data_3AZS
#
_entry.id   3AZS
#
_cell.length_a   62.730
_cell.length_b   78.046
_cell.length_c   62.927
_cell.angle_alpha   90.00
_cell.angle_beta   97.19
_cell.angle_gamma   90.00
#
_symmetry.space_group_name_H-M   'P 1 21 1'
#
loop_
_entity.id
_entity.type
_entity.pdbx_description
1 polymer Endoglucanase
2 branched beta-D-mannopyranose-(1-4)-beta-D-mannopyranose-(1-4)-alpha-D-mannopyranose
3 water water
#
_entity_poly.entity_id   1
_entity_poly.type   'polypeptide(L)'
_entity_poly.pdbx_seq_one_letter_code
;MGVDPFERNKILGRGINIGNALEAPNEGDWGVVIKDEFFDIIKEAGFSHVRIPIRWSTHAYAFPPYKIMDRFFKRVDEVI
NGALKRGLAVVINIHHYEELMNDPEEHKERFLALWKQIADRYKDYPETLFFEILNEPHGNLTPEKWNELLEEALKVIRSI
DKKHTIIIGTAEWGGISALEKLSVPKWEKNSIVTIHYYNPFEFTHQGAEWVEGSEKWLGRKWGSPDDQKHLIEEFNFIEE
WSKKNKRPIYIGAFGAYRKADLESRIKWTSFVVREMEKRRWSWAYWEFCSGFGVYDTLRKTWNKDLLEALIGGDSIE
;
_entity_poly.pdbx_strand_id   A,B
#
# COMPACT_ATOMS: atom_id res chain seq x y z
N ASP A 4 21.13 19.14 23.77
CA ASP A 4 20.44 20.42 23.46
C ASP A 4 20.00 20.27 22.02
N PRO A 5 18.71 20.43 21.75
CA PRO A 5 18.24 20.27 20.37
C PRO A 5 18.72 21.32 19.38
N PHE A 6 19.03 22.52 19.89
CA PHE A 6 19.53 23.56 19.00
C PHE A 6 20.94 23.21 18.60
N GLU A 7 21.68 22.55 19.48
CA GLU A 7 23.02 22.11 19.12
C GLU A 7 22.85 20.92 18.15
N ARG A 8 21.82 20.11 18.36
CA ARG A 8 21.61 19.02 17.44
C ARG A 8 21.23 19.59 16.05
N ASN A 9 20.51 20.70 16.02
CA ASN A 9 20.15 21.31 14.72
C ASN A 9 21.38 21.81 13.97
N LYS A 10 22.33 22.35 14.71
CA LYS A 10 23.57 22.82 14.14
C LYS A 10 24.35 21.63 13.57
N ILE A 11 24.31 20.48 14.27
CA ILE A 11 24.95 19.25 13.83
C ILE A 11 24.32 18.74 12.55
N LEU A 12 23.01 18.92 12.39
CA LEU A 12 22.37 18.47 11.13
C LEU A 12 22.88 19.35 10.02
N GLY A 13 22.73 20.66 10.16
CA GLY A 13 23.21 21.56 9.12
C GLY A 13 22.64 21.26 7.75
N ARG A 14 23.50 21.30 6.72
CA ARG A 14 23.10 21.07 5.35
C ARG A 14 23.01 19.58 5.06
N GLY A 15 21.87 19.14 4.52
CA GLY A 15 21.72 17.72 4.23
C GLY A 15 21.06 17.41 2.92
N ILE A 16 20.98 16.14 2.63
CA ILE A 16 20.32 15.73 1.41
C ILE A 16 19.57 14.41 1.65
N ASN A 17 18.38 14.32 1.09
CA ASN A 17 17.59 13.10 1.17
C ASN A 17 18.06 12.09 0.13
N ILE A 18 18.18 10.83 0.54
CA ILE A 18 18.42 9.78 -0.45
C ILE A 18 17.04 9.12 -0.58
N GLY A 19 16.24 9.70 -1.50
CA GLY A 19 14.89 9.28 -1.73
C GLY A 19 14.72 8.35 -2.90
N ASN A 20 13.49 7.91 -3.09
CA ASN A 20 13.10 6.95 -4.13
C ASN A 20 13.90 5.68 -3.95
N ALA A 21 14.17 5.39 -2.66
CA ALA A 21 14.98 4.26 -2.26
C ALA A 21 14.24 3.38 -1.26
N LEU A 22 14.59 3.48 0.03
CA LEU A 22 13.98 2.64 1.07
C LEU A 22 12.53 2.96 1.41
N GLU A 23 11.96 4.04 0.85
CA GLU A 23 10.56 4.33 1.09
C GLU A 23 9.63 3.76 0.02
N ALA A 24 10.20 3.14 -1.02
CA ALA A 24 9.41 2.44 -2.02
C ALA A 24 8.97 1.13 -1.32
N PRO A 25 8.12 0.33 -1.98
CA PRO A 25 7.70 -0.93 -1.35
C PRO A 25 8.93 -1.79 -1.11
N ASN A 26 9.83 -1.81 -2.07
CA ASN A 26 11.12 -2.48 -1.91
C ASN A 26 12.20 -1.60 -2.48
N GLU A 27 13.36 -1.62 -1.83
CA GLU A 27 14.45 -0.80 -2.32
C GLU A 27 14.80 -1.10 -3.78
N GLY A 28 14.89 -0.03 -4.57
CA GLY A 28 15.18 -0.10 -5.99
C GLY A 28 13.94 -0.03 -6.86
N ASP A 29 12.77 -0.29 -6.28
CA ASP A 29 11.53 -0.26 -7.06
C ASP A 29 11.30 1.09 -7.70
N TRP A 30 11.70 2.15 -6.99
CA TRP A 30 11.47 3.50 -7.49
C TRP A 30 12.71 4.14 -8.07
N GLY A 31 13.68 3.30 -8.38
CA GLY A 31 14.87 3.76 -9.09
C GLY A 31 16.19 3.92 -8.39
N VAL A 32 16.18 3.89 -7.07
CA VAL A 32 17.39 4.08 -6.34
C VAL A 32 17.68 3.00 -5.33
N VAL A 33 18.90 2.50 -5.39
CA VAL A 33 19.42 1.55 -4.37
C VAL A 33 20.52 2.35 -3.68
N ILE A 34 20.56 2.33 -2.34
CA ILE A 34 21.56 3.14 -1.66
C ILE A 34 22.96 2.51 -1.66
N LYS A 35 23.79 2.98 -2.57
CA LYS A 35 25.15 2.47 -2.68
C LYS A 35 26.02 3.08 -1.60
N ASP A 36 26.90 2.26 -1.06
CA ASP A 36 27.76 2.74 0.00
C ASP A 36 28.62 3.94 -0.44
N GLU A 37 29.06 3.96 -1.69
CA GLU A 37 29.89 5.08 -2.13
C GLU A 37 29.11 6.41 -2.15
N PHE A 38 27.78 6.34 -2.17
CA PHE A 38 27.04 7.61 -2.16
C PHE A 38 27.42 8.45 -0.93
N PHE A 39 27.75 7.80 0.17
CA PHE A 39 28.11 8.52 1.37
C PHE A 39 29.43 9.27 1.21
N ASP A 40 30.37 8.71 0.46
CA ASP A 40 31.62 9.42 0.24
C ASP A 40 31.33 10.63 -0.67
N ILE A 41 30.50 10.39 -1.69
CA ILE A 41 30.14 11.46 -2.64
C ILE A 41 29.46 12.60 -1.92
N ILE A 42 28.49 12.28 -1.05
CA ILE A 42 27.76 13.33 -0.33
C ILE A 42 28.61 14.09 0.69
N LYS A 43 29.43 13.37 1.45
CA LYS A 43 30.27 14.04 2.42
C LYS A 43 31.31 14.93 1.71
N GLU A 44 31.92 14.40 0.64
CA GLU A 44 32.93 15.19 -0.06
C GLU A 44 32.37 16.46 -0.68
N ALA A 45 31.10 16.43 -1.06
CA ALA A 45 30.46 17.62 -1.63
C ALA A 45 30.17 18.67 -0.59
N GLY A 46 30.26 18.32 0.69
CA GLY A 46 30.06 19.33 1.72
C GLY A 46 28.85 19.19 2.60
N PHE A 47 28.04 18.15 2.39
CA PHE A 47 26.84 17.99 3.24
C PHE A 47 27.21 17.46 4.60
N SER A 48 26.43 17.84 5.61
CA SER A 48 26.66 17.40 6.98
C SER A 48 25.84 16.17 7.34
N HIS A 49 24.72 15.96 6.65
CA HIS A 49 23.88 14.81 7.00
C HIS A 49 23.10 14.27 5.81
N VAL A 50 22.54 13.08 6.00
CA VAL A 50 21.64 12.51 5.00
C VAL A 50 20.35 12.17 5.69
N ARG A 51 19.23 12.31 4.96
CA ARG A 51 17.92 11.94 5.51
C ARG A 51 17.53 10.71 4.71
N ILE A 52 17.15 9.66 5.45
CA ILE A 52 16.82 8.41 4.82
C ILE A 52 15.35 8.01 5.01
N PRO A 53 14.49 8.26 4.01
CA PRO A 53 13.06 7.90 4.07
C PRO A 53 13.01 6.36 4.15
N ILE A 54 12.20 5.81 5.04
CA ILE A 54 12.15 4.34 5.16
C ILE A 54 10.70 3.87 5.34
N ARG A 55 10.25 2.93 4.51
CA ARG A 55 8.87 2.44 4.63
C ARG A 55 8.89 1.19 5.50
N TRP A 56 9.05 1.40 6.80
CA TRP A 56 9.12 0.24 7.69
C TRP A 56 7.84 -0.58 7.66
N SER A 57 6.72 0.08 7.41
CA SER A 57 5.43 -0.64 7.49
C SER A 57 5.29 -1.79 6.54
N THR A 58 6.00 -1.79 5.41
CA THR A 58 5.82 -2.93 4.55
C THR A 58 6.83 -4.06 4.89
N HIS A 59 7.66 -3.81 5.87
CA HIS A 59 8.70 -4.76 6.30
C HIS A 59 8.55 -5.20 7.77
N ALA A 60 7.31 -5.20 8.23
CA ALA A 60 6.96 -5.65 9.60
C ALA A 60 5.67 -6.44 9.51
N TYR A 61 5.51 -7.44 10.37
CA TYR A 61 4.28 -8.20 10.32
C TYR A 61 3.06 -7.36 10.69
N ALA A 62 1.90 -7.80 10.19
CA ALA A 62 0.62 -7.09 10.41
C ALA A 62 -0.09 -7.43 11.70
N PHE A 63 0.40 -8.46 12.35
CA PHE A 63 -0.18 -8.98 13.59
C PHE A 63 0.83 -8.81 14.72
N PRO A 64 0.32 -8.66 15.96
CA PRO A 64 1.20 -8.47 17.12
C PRO A 64 2.24 -9.57 17.25
N PRO A 65 3.47 -9.23 17.70
CA PRO A 65 3.95 -7.90 18.10
C PRO A 65 4.42 -6.99 16.96
N TYR A 66 3.96 -7.26 15.74
CA TYR A 66 4.30 -6.43 14.56
C TYR A 66 5.82 -6.38 14.38
N LYS A 67 6.49 -7.53 14.48
CA LYS A 67 7.94 -7.59 14.37
C LYS A 67 8.49 -7.15 13.03
N ILE A 68 9.52 -6.30 13.05
CA ILE A 68 10.17 -5.86 11.82
C ILE A 68 11.00 -7.04 11.31
N MET A 69 10.94 -7.27 10.01
CA MET A 69 11.64 -8.40 9.40
C MET A 69 13.14 -8.29 9.46
N ASP A 70 13.77 -9.42 9.77
CA ASP A 70 15.23 -9.45 9.98
C ASP A 70 16.10 -8.87 8.86
N ARG A 71 15.87 -9.33 7.63
CA ARG A 71 16.67 -8.88 6.48
C ARG A 71 16.61 -7.35 6.32
N PHE A 72 15.40 -6.80 6.48
CA PHE A 72 15.25 -5.35 6.34
C PHE A 72 15.96 -4.57 7.44
N PHE A 73 15.84 -5.01 8.67
CA PHE A 73 16.52 -4.32 9.78
C PHE A 73 18.02 -4.31 9.50
N LYS A 74 18.54 -5.43 9.01
CA LYS A 74 19.96 -5.53 8.73
C LYS A 74 20.36 -4.53 7.63
N ARG A 75 19.47 -4.37 6.67
CA ARG A 75 19.74 -3.46 5.58
C ARG A 75 19.76 -2.02 6.08
N VAL A 76 18.80 -1.64 6.93
CA VAL A 76 18.79 -0.29 7.48
C VAL A 76 20.06 -0.07 8.31
N ASP A 77 20.43 -1.07 9.11
CA ASP A 77 21.66 -0.94 9.89
C ASP A 77 22.83 -0.60 8.94
N GLU A 78 22.91 -1.35 7.84
CA GLU A 78 24.01 -1.18 6.86
C GLU A 78 24.07 0.24 6.30
N VAL A 79 22.90 0.79 6.02
CA VAL A 79 22.81 2.16 5.49
C VAL A 79 23.21 3.17 6.54
N ILE A 80 22.63 3.07 7.74
CA ILE A 80 22.99 4.01 8.80
C ILE A 80 24.48 3.98 9.05
N ASN A 81 25.03 2.78 9.23
CA ASN A 81 26.45 2.67 9.51
C ASN A 81 27.33 3.17 8.35
N GLY A 82 26.85 2.99 7.12
CA GLY A 82 27.62 3.48 5.99
C GLY A 82 27.74 5.00 6.07
N ALA A 83 26.66 5.66 6.46
CA ALA A 83 26.68 7.11 6.57
C ALA A 83 27.56 7.57 7.74
N LEU A 84 27.37 6.97 8.92
CA LEU A 84 28.16 7.33 10.10
C LEU A 84 29.66 7.15 9.84
N LYS A 85 30.03 6.15 9.06
CA LYS A 85 31.45 5.89 8.74
C LYS A 85 32.12 7.15 8.17
N ARG A 86 31.38 7.90 7.37
CA ARG A 86 31.92 9.12 6.76
C ARG A 86 31.78 10.35 7.60
N GLY A 87 31.24 10.24 8.81
CA GLY A 87 31.08 11.42 9.61
C GLY A 87 29.81 12.20 9.29
N LEU A 88 28.91 11.58 8.55
CA LEU A 88 27.63 12.21 8.27
C LEU A 88 26.68 11.97 9.42
N ALA A 89 25.88 12.98 9.76
CA ALA A 89 24.78 12.75 10.73
C ALA A 89 23.68 12.06 9.86
N VAL A 90 22.72 11.42 10.52
CA VAL A 90 21.72 10.64 9.79
C VAL A 90 20.35 10.85 10.39
N VAL A 91 19.37 11.10 9.52
CA VAL A 91 17.98 11.19 10.00
C VAL A 91 17.24 9.99 9.42
N ILE A 92 16.58 9.21 10.29
CA ILE A 92 15.76 8.11 9.80
C ILE A 92 14.31 8.37 10.18
N ASN A 93 13.36 7.88 9.38
CA ASN A 93 11.95 8.14 9.72
C ASN A 93 11.06 6.95 9.44
N ILE A 94 9.75 7.17 9.52
CA ILE A 94 8.76 6.16 9.09
C ILE A 94 8.04 6.96 7.98
N HIS A 95 8.10 6.43 6.77
CA HIS A 95 7.62 7.12 5.56
C HIS A 95 6.66 6.21 4.80
N HIS A 96 5.65 6.83 4.21
CA HIS A 96 4.64 6.12 3.44
C HIS A 96 3.92 5.03 4.18
N TYR A 97 3.43 5.36 5.39
CA TYR A 97 2.61 4.35 6.13
C TYR A 97 1.17 4.82 5.87
N GLU A 98 0.62 4.50 4.69
CA GLU A 98 -0.68 5.02 4.37
C GLU A 98 -1.84 4.53 5.19
N GLU A 99 -1.74 3.31 5.66
CA GLU A 99 -2.84 2.76 6.43
C GLU A 99 -3.04 3.56 7.71
N LEU A 100 -1.93 4.05 8.27
CA LEU A 100 -1.99 4.84 9.49
C LEU A 100 -2.69 6.17 9.21
N MET A 101 -2.43 6.75 8.05
CA MET A 101 -3.08 8.01 7.73
C MET A 101 -4.60 7.81 7.51
N ASN A 102 -4.96 6.71 6.85
CA ASN A 102 -6.37 6.41 6.54
C ASN A 102 -7.20 5.93 7.75
N ASP A 103 -6.55 5.22 8.68
CA ASP A 103 -7.21 4.77 9.92
C ASP A 103 -6.20 4.73 11.08
N PRO A 104 -5.96 5.91 11.67
CA PRO A 104 -5.02 6.02 12.77
C PRO A 104 -5.39 5.21 13.99
N GLU A 105 -6.69 5.02 14.24
CA GLU A 105 -7.12 4.24 15.40
C GLU A 105 -6.70 2.75 15.26
N GLU A 106 -6.91 2.17 14.09
CA GLU A 106 -6.57 0.79 13.86
C GLU A 106 -5.05 0.53 13.91
N HIS A 107 -4.28 1.49 13.42
CA HIS A 107 -2.83 1.29 13.33
C HIS A 107 -1.98 1.91 14.41
N LYS A 108 -2.62 2.49 15.41
CA LYS A 108 -1.87 3.14 16.47
C LYS A 108 -0.91 2.19 17.17
N GLU A 109 -1.40 1.05 17.63
CA GLU A 109 -0.47 0.19 18.35
C GLU A 109 0.65 -0.38 17.48
N ARG A 110 0.35 -0.61 16.20
CA ARG A 110 1.36 -1.13 15.29
C ARG A 110 2.42 -0.06 15.08
N PHE A 111 1.98 1.19 14.87
CA PHE A 111 2.89 2.30 14.69
C PHE A 111 3.80 2.43 15.93
N LEU A 112 3.21 2.31 17.12
CA LEU A 112 4.02 2.43 18.33
C LEU A 112 4.95 1.25 18.52
N ALA A 113 4.55 0.06 18.05
CA ALA A 113 5.44 -1.10 18.12
C ALA A 113 6.63 -0.88 17.17
N LEU A 114 6.39 -0.24 16.04
CA LEU A 114 7.51 0.02 15.15
C LEU A 114 8.52 0.93 15.85
N TRP A 115 8.05 2.01 16.50
CA TRP A 115 9.01 2.89 17.18
C TRP A 115 9.68 2.23 18.38
N LYS A 116 8.97 1.35 19.09
CA LYS A 116 9.59 0.66 20.20
C LYS A 116 10.77 -0.17 19.63
N GLN A 117 10.54 -0.84 18.51
CA GLN A 117 11.63 -1.67 17.92
C GLN A 117 12.77 -0.87 17.34
N ILE A 118 12.43 0.23 16.68
CA ILE A 118 13.47 1.08 16.09
C ILE A 118 14.31 1.75 17.20
N ALA A 119 13.65 2.31 18.23
CA ALA A 119 14.38 2.92 19.34
C ALA A 119 15.24 1.82 20.02
N ASP A 120 14.69 0.63 20.25
CA ASP A 120 15.51 -0.46 20.87
C ASP A 120 16.75 -0.79 20.03
N ARG A 121 16.58 -0.81 18.72
CA ARG A 121 17.67 -1.16 17.83
C ARG A 121 18.79 -0.13 17.85
N TYR A 122 18.41 1.15 17.88
CA TYR A 122 19.41 2.22 17.74
C TYR A 122 19.73 3.05 18.96
N LYS A 123 19.20 2.66 20.13
CA LYS A 123 19.41 3.47 21.31
C LYS A 123 20.87 3.68 21.66
N ASP A 124 21.75 2.74 21.35
CA ASP A 124 23.16 2.95 21.66
C ASP A 124 23.97 3.44 20.48
N TYR A 125 23.31 3.79 19.38
CA TYR A 125 24.05 4.36 18.24
C TYR A 125 24.45 5.80 18.62
N PRO A 126 25.41 6.40 17.89
CA PRO A 126 25.87 7.77 18.17
C PRO A 126 24.76 8.83 18.21
N GLU A 127 25.05 9.96 18.87
CA GLU A 127 24.12 11.07 19.02
C GLU A 127 23.92 11.79 17.70
N THR A 128 24.65 11.40 16.68
CA THR A 128 24.48 12.03 15.37
C THR A 128 23.39 11.33 14.56
N LEU A 129 22.69 10.37 15.18
CA LEU A 129 21.54 9.68 14.56
C LEU A 129 20.29 10.38 15.15
N PHE A 130 19.31 10.73 14.31
CA PHE A 130 18.09 11.45 14.70
C PHE A 130 16.88 10.62 14.31
N PHE A 131 15.83 10.64 15.13
CA PHE A 131 14.64 9.84 14.88
C PHE A 131 13.50 10.75 14.49
N GLU A 132 13.03 10.63 13.25
CA GLU A 132 11.90 11.47 12.78
C GLU A 132 10.65 10.61 12.85
N ILE A 133 9.73 11.01 13.74
CA ILE A 133 8.54 10.22 14.04
C ILE A 133 7.70 9.76 12.86
N LEU A 134 7.31 10.67 11.98
CA LEU A 134 6.41 10.25 10.89
C LEU A 134 6.43 11.26 9.80
N ASN A 135 6.69 10.81 8.58
CA ASN A 135 6.69 11.73 7.45
C ASN A 135 5.29 12.17 7.05
N GLU A 136 5.08 13.49 7.05
CA GLU A 136 3.84 14.08 6.53
C GLU A 136 2.50 13.53 6.94
N PRO A 137 2.20 13.56 8.22
CA PRO A 137 0.89 13.17 8.66
C PRO A 137 -0.20 13.92 7.82
N HIS A 138 -1.23 13.23 7.51
CA HIS A 138 -2.30 13.74 6.73
C HIS A 138 -3.59 12.88 6.75
N GLY A 139 -4.64 13.40 6.14
CA GLY A 139 -5.82 12.61 5.97
C GLY A 139 -6.61 12.44 7.26
N ASN A 140 -7.00 11.22 7.54
CA ASN A 140 -7.72 10.99 8.78
C ASN A 140 -6.83 11.20 10.01
N LEU A 141 -5.51 11.25 9.82
CA LEU A 141 -4.64 11.58 10.95
C LEU A 141 -4.60 13.11 10.94
N THR A 142 -5.64 13.70 11.54
CA THR A 142 -5.85 15.15 11.58
C THR A 142 -4.88 15.85 12.51
N PRO A 143 -4.82 17.20 12.43
CA PRO A 143 -3.88 17.88 13.34
C PRO A 143 -4.09 17.50 14.80
N GLU A 144 -5.34 17.42 15.26
CA GLU A 144 -5.53 17.10 16.66
C GLU A 144 -5.16 15.64 16.97
N LYS A 145 -5.43 14.72 16.04
CA LYS A 145 -5.07 13.34 16.28
C LYS A 145 -3.54 13.17 16.24
N TRP A 146 -2.87 13.96 15.39
CA TRP A 146 -1.41 13.90 15.34
C TRP A 146 -0.79 14.43 16.63
N ASN A 147 -1.36 15.46 17.22
CA ASN A 147 -0.78 15.92 18.48
C ASN A 147 -0.87 14.81 19.50
N GLU A 148 -1.96 14.06 19.50
CA GLU A 148 -2.04 12.96 20.46
C GLU A 148 -1.11 11.81 20.10
N LEU A 149 -1.06 11.43 18.82
CA LEU A 149 -0.21 10.31 18.41
C LEU A 149 1.29 10.62 18.60
N LEU A 150 1.70 11.84 18.27
CA LEU A 150 3.11 12.18 18.41
C LEU A 150 3.51 12.17 19.87
N GLU A 151 2.61 12.55 20.77
CA GLU A 151 3.00 12.50 22.18
C GLU A 151 3.14 11.02 22.58
N GLU A 152 2.26 10.15 22.07
CA GLU A 152 2.37 8.74 22.41
C GLU A 152 3.69 8.18 21.89
N ALA A 153 4.10 8.61 20.68
CA ALA A 153 5.36 8.12 20.14
C ALA A 153 6.54 8.61 20.99
N LEU A 154 6.47 9.89 21.37
CA LEU A 154 7.53 10.43 22.23
C LEU A 154 7.65 9.62 23.50
N LYS A 155 6.52 9.24 24.08
CA LYS A 155 6.59 8.46 25.32
C LYS A 155 7.24 7.13 25.11
N VAL A 156 6.89 6.49 23.99
CA VAL A 156 7.49 5.19 23.70
C VAL A 156 9.00 5.34 23.49
N ILE A 157 9.41 6.30 22.65
CA ILE A 157 10.81 6.44 22.38
C ILE A 157 11.59 6.81 23.63
N ARG A 158 11.07 7.75 24.41
CA ARG A 158 11.77 8.20 25.60
C ARG A 158 11.82 7.15 26.70
N SER A 159 10.90 6.18 26.64
CA SER A 159 10.93 5.12 27.66
C SER A 159 12.16 4.24 27.44
N ILE A 160 12.72 4.33 26.24
CA ILE A 160 13.84 3.50 25.83
C ILE A 160 15.14 4.28 25.58
N ASP A 161 15.00 5.52 25.13
CA ASP A 161 16.16 6.32 24.68
C ASP A 161 15.97 7.78 25.04
N LYS A 162 16.81 8.29 25.92
CA LYS A 162 16.71 9.70 26.30
C LYS A 162 17.89 10.46 25.75
N LYS A 163 18.59 9.83 24.82
CA LYS A 163 19.77 10.43 24.22
C LYS A 163 19.51 11.10 22.88
N HIS A 164 18.89 10.39 21.96
CA HIS A 164 18.72 10.94 20.63
C HIS A 164 17.69 12.03 20.46
N THR A 165 18.03 13.02 19.62
CA THR A 165 17.08 14.09 19.33
C THR A 165 15.99 13.52 18.43
N ILE A 166 14.74 13.93 18.69
CA ILE A 166 13.59 13.44 17.91
C ILE A 166 13.10 14.57 17.03
N ILE A 167 12.63 14.25 15.81
CA ILE A 167 12.17 15.24 14.85
C ILE A 167 10.69 15.05 14.63
N ILE A 168 9.96 16.15 14.82
CA ILE A 168 8.50 16.17 14.82
C ILE A 168 7.93 17.03 13.70
N GLY A 169 7.18 16.41 12.78
CA GLY A 169 6.61 17.15 11.66
C GLY A 169 5.24 17.72 11.99
N THR A 170 4.66 18.39 11.02
CA THR A 170 3.32 19.01 11.12
C THR A 170 2.32 18.16 10.34
N ALA A 171 1.05 18.36 10.64
CA ALA A 171 0.00 17.59 9.98
C ALA A 171 -0.41 18.28 8.67
N GLU A 172 -1.54 17.86 8.10
CA GLU A 172 -1.99 18.40 6.81
C GLU A 172 -0.88 18.35 5.75
N TRP A 173 -0.23 17.19 5.65
CA TRP A 173 0.85 16.91 4.71
C TRP A 173 2.23 17.50 5.00
N GLY A 174 2.43 17.99 6.22
CA GLY A 174 3.77 18.41 6.67
C GLY A 174 4.35 19.75 6.30
N GLY A 175 3.52 20.62 5.74
CA GLY A 175 3.99 21.96 5.39
C GLY A 175 3.64 22.98 6.46
N ILE A 176 3.42 24.24 6.04
CA ILE A 176 3.15 25.26 7.03
C ILE A 176 1.70 25.42 7.44
N SER A 177 0.76 24.88 6.66
CA SER A 177 -0.66 25.10 6.96
C SER A 177 -1.15 24.71 8.34
N ALA A 178 -0.60 23.64 8.90
CA ALA A 178 -1.03 23.24 10.23
C ALA A 178 0.04 23.47 11.29
N LEU A 179 1.00 24.34 11.01
CA LEU A 179 2.04 24.59 12.00
C LEU A 179 1.47 25.18 13.27
N GLU A 180 0.58 26.17 13.13
CA GLU A 180 -0.01 26.83 14.30
C GLU A 180 -0.81 25.83 15.16
N LYS A 181 -1.22 24.70 14.57
CA LYS A 181 -1.97 23.69 15.34
C LYS A 181 -1.03 22.70 16.04
N LEU A 182 0.24 22.66 15.64
CA LEU A 182 1.17 21.70 16.26
C LEU A 182 1.40 21.97 17.74
N SER A 183 1.37 20.90 18.52
CA SER A 183 1.65 20.98 19.94
C SER A 183 2.71 19.96 20.34
N VAL A 184 3.86 20.46 20.80
CA VAL A 184 4.90 19.56 21.26
C VAL A 184 4.85 19.65 22.79
N PRO A 185 4.74 18.51 23.49
CA PRO A 185 4.66 18.52 24.95
C PRO A 185 5.80 19.25 25.65
N LYS A 186 5.45 20.05 26.64
CA LYS A 186 6.44 20.80 27.40
C LYS A 186 7.47 19.90 28.05
N TRP A 187 7.10 18.68 28.43
CA TRP A 187 8.04 17.79 29.07
C TRP A 187 9.15 17.28 28.15
N GLU A 188 8.91 17.32 26.84
CA GLU A 188 9.93 16.86 25.88
C GLU A 188 10.81 18.06 25.58
N LYS A 189 12.10 17.92 25.80
CA LYS A 189 13.07 19.03 25.65
C LYS A 189 14.17 18.77 24.63
N ASN A 190 14.08 17.71 23.84
CA ASN A 190 15.15 17.39 22.91
C ASN A 190 14.55 16.97 21.57
N SER A 191 13.79 17.90 21.00
CA SER A 191 13.15 17.68 19.71
C SER A 191 13.33 18.87 18.79
N ILE A 192 13.30 18.61 17.48
CA ILE A 192 13.41 19.64 16.46
C ILE A 192 12.12 19.51 15.65
N VAL A 193 11.53 20.61 15.25
CA VAL A 193 10.29 20.58 14.45
C VAL A 193 10.68 20.67 13.00
N THR A 194 10.06 19.82 12.18
CA THR A 194 10.42 19.82 10.77
C THR A 194 9.22 20.20 9.90
N ILE A 195 9.48 20.92 8.82
CA ILE A 195 8.48 21.40 7.89
C ILE A 195 9.04 21.07 6.50
N HIS A 196 8.17 20.67 5.57
CA HIS A 196 8.63 20.39 4.22
C HIS A 196 8.16 21.59 3.43
N TYR A 197 9.03 22.10 2.57
CA TYR A 197 8.69 23.32 1.85
C TYR A 197 8.77 23.11 0.35
N TYR A 198 7.60 23.15 -0.28
CA TYR A 198 7.51 22.95 -1.72
C TYR A 198 6.67 24.06 -2.36
N ASN A 199 6.54 25.19 -1.67
CA ASN A 199 5.73 26.28 -2.27
C ASN A 199 6.52 27.18 -3.23
N PRO A 200 5.90 27.60 -4.36
CA PRO A 200 4.53 27.34 -4.85
C PRO A 200 4.47 25.89 -5.29
N PHE A 201 3.49 25.15 -4.77
CA PHE A 201 3.38 23.74 -5.10
C PHE A 201 3.22 23.52 -6.59
N GLU A 202 2.47 24.41 -7.24
CA GLU A 202 2.28 24.27 -8.68
C GLU A 202 3.60 24.38 -9.42
N PHE A 203 4.52 25.20 -8.90
CA PHE A 203 5.83 25.30 -9.53
C PHE A 203 6.69 24.05 -9.25
N THR A 204 6.78 23.66 -7.98
CA THR A 204 7.69 22.56 -7.62
C THR A 204 7.30 21.19 -8.12
N HIS A 205 5.99 21.06 -8.26
CA HIS A 205 5.36 19.80 -8.65
C HIS A 205 4.76 19.70 -10.04
N GLN A 206 5.14 20.68 -10.86
CA GLN A 206 4.55 20.70 -12.20
C GLN A 206 4.92 19.42 -12.93
N GLY A 207 3.90 18.78 -13.47
CA GLY A 207 4.14 17.55 -14.23
C GLY A 207 4.44 16.33 -13.39
N ALA A 208 4.35 16.44 -12.06
CA ALA A 208 4.65 15.28 -11.20
C ALA A 208 3.56 14.26 -11.47
N GLU A 209 3.95 13.10 -11.99
CA GLU A 209 2.95 12.10 -12.40
C GLU A 209 2.05 11.55 -11.30
N TRP A 210 2.51 11.62 -10.05
CA TRP A 210 1.73 11.08 -8.95
C TRP A 210 0.80 12.12 -8.32
N VAL A 211 0.78 13.32 -8.91
CA VAL A 211 -0.06 14.39 -8.40
C VAL A 211 -1.16 14.70 -9.40
N GLU A 212 -2.39 14.54 -8.94
CA GLU A 212 -3.55 14.77 -9.82
C GLU A 212 -3.58 16.17 -10.38
N GLY A 213 -3.73 16.24 -11.70
CA GLY A 213 -3.85 17.49 -12.43
C GLY A 213 -2.62 18.35 -12.52
N SER A 214 -1.46 17.76 -12.22
CA SER A 214 -0.23 18.55 -12.24
C SER A 214 0.22 18.96 -13.64
N GLU A 215 -0.32 18.30 -14.67
CA GLU A 215 0.07 18.64 -16.03
C GLU A 215 -0.34 20.08 -16.37
N LYS A 216 -1.38 20.59 -15.70
CA LYS A 216 -1.90 21.95 -15.93
C LYS A 216 -0.92 23.02 -15.45
N TRP A 217 0.12 22.61 -14.73
CA TRP A 217 1.10 23.56 -14.19
C TRP A 217 2.39 23.62 -14.98
N LEU A 218 2.56 22.71 -15.95
CA LEU A 218 3.76 22.64 -16.75
C LEU A 218 4.10 23.95 -17.42
N GLY A 219 5.35 24.39 -17.21
CA GLY A 219 5.82 25.63 -17.79
C GLY A 219 5.89 26.75 -16.75
N ARG A 220 5.27 26.56 -15.59
CA ARG A 220 5.30 27.59 -14.57
C ARG A 220 6.73 27.96 -14.23
N LYS A 221 6.98 29.26 -14.15
CA LYS A 221 8.31 29.74 -13.81
C LYS A 221 8.38 30.24 -12.38
N TRP A 222 9.59 30.48 -11.90
CA TRP A 222 9.75 31.05 -10.58
C TRP A 222 10.96 31.97 -10.60
N GLY A 223 10.85 33.13 -9.93
CA GLY A 223 11.99 33.99 -9.85
C GLY A 223 11.71 35.49 -9.73
N SER A 224 10.46 35.90 -9.84
CA SER A 224 10.20 37.36 -9.76
C SER A 224 10.39 37.93 -8.35
N PRO A 225 10.54 39.27 -8.25
CA PRO A 225 10.69 39.87 -6.93
C PRO A 225 9.46 39.54 -6.09
N ASP A 226 8.28 39.49 -6.72
CA ASP A 226 7.11 39.18 -5.91
C ASP A 226 7.09 37.71 -5.43
N ASP A 227 7.59 36.80 -6.27
CA ASP A 227 7.72 35.35 -5.88
C ASP A 227 8.62 35.30 -4.64
N GLN A 228 9.71 36.08 -4.69
CA GLN A 228 10.65 36.10 -3.57
C GLN A 228 10.03 36.66 -2.33
N LYS A 229 9.30 37.77 -2.44
CA LYS A 229 8.68 38.30 -1.23
C LYS A 229 7.64 37.37 -0.61
N HIS A 230 6.91 36.65 -1.44
CA HIS A 230 5.90 35.73 -0.90
C HIS A 230 6.56 34.63 -0.09
N LEU A 231 7.68 34.12 -0.59
CA LEU A 231 8.40 33.02 0.08
C LEU A 231 8.98 33.57 1.41
N ILE A 232 9.57 34.75 1.38
CA ILE A 232 10.07 35.32 2.62
C ILE A 232 8.94 35.47 3.65
N GLU A 233 7.75 35.91 3.22
CA GLU A 233 6.64 36.03 4.15
C GLU A 233 6.34 34.70 4.84
N GLU A 234 6.36 33.62 4.07
CA GLU A 234 6.11 32.30 4.66
C GLU A 234 7.23 31.88 5.58
N PHE A 235 8.47 32.16 5.21
CA PHE A 235 9.57 31.78 6.10
C PHE A 235 9.50 32.62 7.39
N ASN A 236 9.05 33.87 7.28
CA ASN A 236 8.95 34.70 8.49
C ASN A 236 7.92 34.11 9.44
N PHE A 237 6.83 33.57 8.88
CA PHE A 237 5.80 32.93 9.68
C PHE A 237 6.39 31.76 10.45
N ILE A 238 7.16 30.94 9.77
CA ILE A 238 7.77 29.78 10.45
C ILE A 238 8.74 30.23 11.53
N GLU A 239 9.54 31.25 11.22
CA GLU A 239 10.52 31.73 12.18
C GLU A 239 9.86 32.31 13.41
N GLU A 240 8.76 33.04 13.21
CA GLU A 240 8.08 33.61 14.37
C GLU A 240 7.51 32.50 15.25
N TRP A 241 7.05 31.42 14.61
CA TRP A 241 6.50 30.29 15.38
C TRP A 241 7.61 29.62 16.19
N SER A 242 8.78 29.47 15.55
CA SER A 242 9.92 28.83 16.22
C SER A 242 10.35 29.64 17.46
N LYS A 243 10.38 30.94 17.29
CA LYS A 243 10.83 31.83 18.36
C LYS A 243 9.84 31.80 19.51
N LYS A 244 8.56 31.84 19.19
CA LYS A 244 7.49 31.82 20.19
C LYS A 244 7.41 30.51 20.94
N ASN A 245 7.63 29.41 20.23
CA ASN A 245 7.53 28.08 20.84
C ASN A 245 8.86 27.49 21.26
N LYS A 246 9.94 28.21 21.01
CA LYS A 246 11.26 27.77 21.39
C LYS A 246 11.65 26.38 20.89
N ARG A 247 11.42 26.12 19.61
CA ARG A 247 11.78 24.83 19.02
C ARG A 247 12.62 25.11 17.75
N PRO A 248 13.73 24.38 17.54
CA PRO A 248 14.56 24.59 16.34
C PRO A 248 13.75 24.09 15.13
N ILE A 249 14.12 24.58 13.95
CA ILE A 249 13.44 24.22 12.70
C ILE A 249 14.38 23.48 11.76
N TYR A 250 13.87 22.43 11.13
CA TYR A 250 14.61 21.63 10.14
C TYR A 250 13.70 21.57 8.92
N ILE A 251 14.12 22.06 7.75
CA ILE A 251 13.29 21.95 6.54
C ILE A 251 13.76 20.64 5.91
N GLY A 252 13.11 19.56 6.32
CA GLY A 252 13.59 18.22 5.97
C GLY A 252 13.43 17.77 4.55
N ALA A 253 12.70 18.54 3.76
CA ALA A 253 12.51 18.23 2.36
C ALA A 253 12.05 19.47 1.65
N PHE A 254 12.73 19.76 0.56
CA PHE A 254 12.40 20.89 -0.34
C PHE A 254 13.11 20.64 -1.68
N GLY A 255 12.47 21.01 -2.78
CA GLY A 255 13.08 20.79 -4.09
C GLY A 255 12.02 20.95 -5.17
N ALA A 256 12.48 21.14 -6.40
CA ALA A 256 11.61 21.30 -7.56
C ALA A 256 11.89 20.15 -8.55
N TYR A 257 10.80 19.59 -9.07
CA TYR A 257 10.83 18.47 -9.96
C TYR A 257 11.55 18.80 -11.26
N ARG A 258 12.12 17.77 -11.86
CA ARG A 258 12.89 17.90 -13.09
C ARG A 258 12.13 18.49 -14.25
N LYS A 259 10.80 18.44 -14.23
CA LYS A 259 10.02 18.98 -15.35
C LYS A 259 9.95 20.51 -15.31
N ALA A 260 10.29 21.09 -14.16
CA ALA A 260 10.34 22.56 -14.08
C ALA A 260 11.58 23.02 -14.86
N ASP A 261 11.55 24.21 -15.46
CA ASP A 261 12.71 24.64 -16.23
C ASP A 261 13.92 24.81 -15.32
N LEU A 262 15.08 24.39 -15.79
CA LEU A 262 16.29 24.41 -14.97
C LEU A 262 16.61 25.75 -14.35
N GLU A 263 16.53 26.83 -15.13
CA GLU A 263 16.86 28.13 -14.59
C GLU A 263 15.96 28.49 -13.38
N SER A 264 14.64 28.26 -13.49
CA SER A 264 13.74 28.52 -12.37
C SER A 264 14.12 27.59 -11.16
N ARG A 265 14.45 26.34 -11.45
CA ARG A 265 14.81 25.41 -10.36
C ARG A 265 16.03 25.93 -9.61
N ILE A 266 17.01 26.42 -10.36
CA ILE A 266 18.20 26.95 -9.70
C ILE A 266 17.86 28.17 -8.87
N LYS A 267 17.06 29.07 -9.41
CA LYS A 267 16.72 30.27 -8.66
C LYS A 267 15.95 30.01 -7.41
N TRP A 268 14.98 29.12 -7.54
CA TRP A 268 14.14 28.77 -6.41
C TRP A 268 15.00 28.08 -5.36
N THR A 269 15.79 27.10 -5.78
CA THR A 269 16.60 26.32 -4.82
C THR A 269 17.62 27.19 -4.11
N SER A 270 18.28 28.04 -4.87
CA SER A 270 19.31 28.90 -4.29
C SER A 270 18.70 29.92 -3.35
N PHE A 271 17.58 30.51 -3.72
CA PHE A 271 16.93 31.48 -2.84
C PHE A 271 16.44 30.81 -1.55
N VAL A 272 15.81 29.65 -1.67
CA VAL A 272 15.32 28.93 -0.50
C VAL A 272 16.51 28.66 0.45
N VAL A 273 17.63 28.18 -0.07
CA VAL A 273 18.76 27.91 0.79
C VAL A 273 19.31 29.18 1.43
N ARG A 274 19.45 30.27 0.67
CA ARG A 274 19.95 31.48 1.32
C ARG A 274 19.04 31.94 2.43
N GLU A 275 17.72 31.84 2.23
CA GLU A 275 16.79 32.33 3.22
C GLU A 275 16.71 31.41 4.41
N MET A 276 16.85 30.10 4.20
CA MET A 276 16.83 29.22 5.38
C MET A 276 18.08 29.45 6.23
N GLU A 277 19.21 29.69 5.58
CA GLU A 277 20.48 29.88 6.31
C GLU A 277 20.46 31.19 7.07
N LYS A 278 19.80 32.21 6.52
CA LYS A 278 19.73 33.48 7.27
C LYS A 278 18.94 33.26 8.57
N ARG A 279 18.08 32.24 8.59
CA ARG A 279 17.31 31.91 9.80
C ARG A 279 17.93 30.80 10.65
N ARG A 280 19.13 30.36 10.28
CA ARG A 280 19.90 29.35 10.99
C ARG A 280 19.20 28.00 11.07
N TRP A 281 18.39 27.72 10.06
CA TRP A 281 17.70 26.43 10.05
C TRP A 281 18.55 25.34 9.42
N SER A 282 18.27 24.08 9.80
CA SER A 282 18.94 22.96 9.17
C SER A 282 18.01 22.57 8.03
N TRP A 283 18.50 21.76 7.08
CA TRP A 283 17.64 21.40 5.95
C TRP A 283 18.18 20.21 5.19
N ALA A 284 17.32 19.60 4.39
CA ALA A 284 17.72 18.48 3.56
C ALA A 284 17.02 18.58 2.22
N TYR A 285 17.83 18.73 1.18
CA TYR A 285 17.30 18.80 -0.18
C TYR A 285 16.60 17.51 -0.64
N TRP A 286 15.49 17.66 -1.36
CA TRP A 286 14.78 16.50 -1.92
C TRP A 286 15.07 16.58 -3.43
N GLU A 287 15.90 15.70 -3.99
CA GLU A 287 16.63 14.61 -3.31
C GLU A 287 17.92 14.33 -4.12
N PHE A 288 18.69 13.34 -3.68
CA PHE A 288 19.99 13.10 -4.28
C PHE A 288 20.07 12.76 -5.74
N CYS A 289 19.40 11.69 -6.16
CA CYS A 289 19.61 11.26 -7.55
C CYS A 289 18.43 10.74 -8.34
N SER A 290 17.23 11.09 -7.95
CA SER A 290 16.05 10.63 -8.67
C SER A 290 15.37 11.79 -9.46
N GLY A 291 14.04 11.81 -9.48
CA GLY A 291 13.27 12.82 -10.22
C GLY A 291 13.50 14.28 -9.87
N PHE A 292 13.94 14.53 -8.63
CA PHE A 292 14.29 15.88 -8.18
C PHE A 292 15.81 15.95 -8.04
N GLY A 293 16.49 14.96 -8.59
CA GLY A 293 17.92 14.82 -8.37
C GLY A 293 18.92 15.86 -8.84
N VAL A 294 20.02 15.92 -8.12
CA VAL A 294 21.12 16.82 -8.42
C VAL A 294 22.41 16.09 -8.72
N TYR A 295 22.39 14.75 -8.64
CA TYR A 295 23.59 13.95 -8.94
C TYR A 295 23.22 12.87 -9.96
N ASP A 296 24.05 12.71 -10.99
CA ASP A 296 23.82 11.73 -12.06
C ASP A 296 24.66 10.52 -11.70
N THR A 297 24.00 9.42 -11.29
CA THR A 297 24.74 8.24 -10.89
C THR A 297 25.46 7.53 -12.02
N LEU A 298 25.02 7.72 -13.25
CA LEU A 298 25.71 7.07 -14.37
C LEU A 298 26.99 7.83 -14.72
N ARG A 299 26.89 9.15 -14.87
CA ARG A 299 28.07 9.94 -15.21
C ARG A 299 28.94 10.25 -14.01
N LYS A 300 28.39 10.04 -12.83
CA LYS A 300 29.05 10.30 -11.57
C LYS A 300 29.43 11.77 -11.46
N THR A 301 28.47 12.60 -11.82
CA THR A 301 28.67 14.03 -11.74
C THR A 301 27.46 14.74 -11.15
N TRP A 302 27.74 15.84 -10.48
CA TRP A 302 26.67 16.66 -9.92
C TRP A 302 26.25 17.69 -10.94
N ASN A 303 25.01 18.16 -10.84
CA ASN A 303 24.57 19.28 -11.68
C ASN A 303 25.28 20.42 -10.96
N LYS A 304 26.29 21.03 -11.60
CA LYS A 304 27.07 22.06 -10.92
C LYS A 304 26.29 23.24 -10.39
N ASP A 305 25.33 23.74 -11.15
CA ASP A 305 24.58 24.91 -10.68
C ASP A 305 23.63 24.60 -9.53
N LEU A 306 23.01 23.42 -9.55
CA LEU A 306 22.12 23.05 -8.44
C LEU A 306 22.95 22.74 -7.22
N LEU A 307 24.12 22.12 -7.40
CA LEU A 307 24.97 21.86 -6.23
C LEU A 307 25.42 23.16 -5.61
N GLU A 308 25.80 24.14 -6.45
CA GLU A 308 26.22 25.44 -5.94
C GLU A 308 25.08 26.12 -5.17
N ALA A 309 23.86 25.90 -5.61
CA ALA A 309 22.72 26.49 -4.94
C ALA A 309 22.63 25.92 -3.51
N LEU A 310 23.01 24.66 -3.35
CA LEU A 310 22.92 24.00 -2.06
C LEU A 310 24.06 24.28 -1.16
N ILE A 311 25.29 24.21 -1.69
CA ILE A 311 26.44 24.35 -0.81
C ILE A 311 27.23 25.64 -0.97
N ASP B 4 -27.08 -22.19 -17.85
CA ASP B 4 -26.08 -23.28 -18.09
C ASP B 4 -24.80 -22.70 -17.48
N PRO B 5 -24.33 -23.26 -16.37
CA PRO B 5 -23.11 -22.72 -15.75
C PRO B 5 -21.85 -22.82 -16.59
N PHE B 6 -21.78 -23.79 -17.52
CA PHE B 6 -20.59 -23.84 -18.37
C PHE B 6 -20.62 -22.65 -19.30
N GLU B 7 -21.81 -22.23 -19.73
CA GLU B 7 -21.90 -21.04 -20.58
C GLU B 7 -21.59 -19.79 -19.76
N ARG B 8 -22.06 -19.76 -18.53
CA ARG B 8 -21.77 -18.60 -17.71
C ARG B 8 -20.25 -18.53 -17.43
N ASN B 9 -19.59 -19.67 -17.34
CA ASN B 9 -18.14 -19.65 -17.11
C ASN B 9 -17.43 -19.02 -18.30
N LYS B 10 -17.97 -19.23 -19.50
CA LYS B 10 -17.36 -18.62 -20.69
C LYS B 10 -17.56 -17.11 -20.69
N ILE B 11 -18.72 -16.67 -20.19
CA ILE B 11 -19.02 -15.23 -20.06
C ILE B 11 -18.01 -14.56 -19.10
N LEU B 12 -17.66 -15.25 -18.01
CA LEU B 12 -16.66 -14.68 -17.10
C LEU B 12 -15.35 -14.52 -17.83
N GLY B 13 -14.81 -15.63 -18.32
CA GLY B 13 -13.56 -15.53 -19.05
C GLY B 13 -12.43 -14.92 -18.20
N ARG B 14 -11.68 -14.00 -18.78
CA ARG B 14 -10.55 -13.33 -18.14
C ARG B 14 -11.00 -12.21 -17.23
N GLY B 15 -10.54 -12.19 -15.98
CA GLY B 15 -10.96 -11.13 -15.11
C GLY B 15 -9.89 -10.64 -14.16
N ILE B 16 -10.25 -9.62 -13.37
CA ILE B 16 -9.34 -9.08 -12.40
C ILE B 16 -10.08 -8.67 -11.17
N ASN B 17 -9.49 -8.96 -10.02
CA ASN B 17 -10.06 -8.56 -8.72
C ASN B 17 -9.73 -7.12 -8.42
N ILE B 18 -10.70 -6.36 -7.91
CA ILE B 18 -10.42 -5.01 -7.44
C ILE B 18 -10.41 -5.21 -5.90
N GLY B 19 -9.21 -5.56 -5.38
CA GLY B 19 -9.04 -5.85 -3.97
C GLY B 19 -8.44 -4.74 -3.15
N ASN B 20 -8.33 -5.00 -1.85
CA ASN B 20 -7.84 -4.03 -0.85
C ASN B 20 -8.77 -2.82 -0.88
N ALA B 21 -10.04 -3.12 -1.19
CA ALA B 21 -11.08 -2.09 -1.37
C ALA B 21 -12.29 -2.33 -0.46
N LEU B 22 -13.37 -2.88 -1.01
CA LEU B 22 -14.58 -3.12 -0.22
C LEU B 22 -14.52 -4.29 0.79
N GLU B 23 -13.42 -5.07 0.78
CA GLU B 23 -13.31 -6.18 1.74
C GLU B 23 -12.51 -5.74 3.01
N ALA B 24 -12.07 -4.49 3.04
CA ALA B 24 -11.43 -3.95 4.28
C ALA B 24 -12.64 -3.63 5.19
N PRO B 25 -12.40 -3.25 6.45
CA PRO B 25 -13.55 -2.94 7.33
C PRO B 25 -14.45 -1.85 6.71
N ASN B 26 -13.81 -0.84 6.10
CA ASN B 26 -14.47 0.25 5.39
C ASN B 26 -13.69 0.50 4.12
N GLU B 27 -14.38 0.87 3.05
CA GLU B 27 -13.69 1.10 1.78
C GLU B 27 -12.63 2.20 1.93
N GLY B 28 -11.43 1.92 1.45
CA GLY B 28 -10.34 2.87 1.53
C GLY B 28 -9.37 2.57 2.64
N ASP B 29 -9.81 1.86 3.69
CA ASP B 29 -8.95 1.52 4.83
C ASP B 29 -7.67 0.82 4.38
N TRP B 30 -7.79 -0.05 3.38
CA TRP B 30 -6.61 -0.78 2.91
C TRP B 30 -5.96 -0.22 1.65
N GLY B 31 -6.31 1.01 1.33
CA GLY B 31 -5.65 1.69 0.25
C GLY B 31 -6.29 1.90 -1.08
N VAL B 32 -7.43 1.24 -1.32
CA VAL B 32 -8.09 1.34 -2.62
C VAL B 32 -9.55 1.73 -2.47
N VAL B 33 -9.95 2.74 -3.26
CA VAL B 33 -11.37 3.14 -3.31
C VAL B 33 -11.71 2.82 -4.77
N ILE B 34 -12.86 2.17 -5.03
CA ILE B 34 -13.18 1.83 -6.40
C ILE B 34 -13.71 3.00 -7.23
N LYS B 35 -12.84 3.61 -8.04
CA LYS B 35 -13.27 4.72 -8.88
C LYS B 35 -14.04 4.23 -10.08
N ASP B 36 -15.10 4.95 -10.46
CA ASP B 36 -15.88 4.53 -11.61
C ASP B 36 -15.00 4.38 -12.87
N GLU B 37 -13.95 5.19 -13.00
CA GLU B 37 -13.11 5.11 -14.19
C GLU B 37 -12.33 3.81 -14.29
N PHE B 38 -12.19 3.10 -13.18
CA PHE B 38 -11.47 1.83 -13.23
C PHE B 38 -12.12 0.90 -14.24
N PHE B 39 -13.45 1.00 -14.39
CA PHE B 39 -14.12 0.07 -15.31
C PHE B 39 -13.76 0.31 -16.77
N ASP B 40 -13.57 1.57 -17.12
CA ASP B 40 -13.15 1.86 -18.50
C ASP B 40 -11.72 1.31 -18.69
N ILE B 41 -10.88 1.51 -17.67
CA ILE B 41 -9.49 1.09 -17.75
C ILE B 41 -9.36 -0.42 -17.88
N ILE B 42 -10.11 -1.12 -17.06
CA ILE B 42 -10.09 -2.59 -17.08
C ILE B 42 -10.67 -3.17 -18.39
N LYS B 43 -11.76 -2.61 -18.91
CA LYS B 43 -12.36 -3.15 -20.12
C LYS B 43 -11.42 -2.88 -21.30
N GLU B 44 -10.84 -1.68 -21.33
CA GLU B 44 -9.94 -1.31 -22.40
C GLU B 44 -8.70 -2.21 -22.50
N ALA B 45 -8.25 -2.72 -21.37
CA ALA B 45 -7.09 -3.58 -21.33
C ALA B 45 -7.42 -4.99 -21.83
N GLY B 46 -8.71 -5.31 -21.98
CA GLY B 46 -9.07 -6.62 -22.49
C GLY B 46 -9.68 -7.58 -21.50
N PHE B 47 -10.01 -7.12 -20.30
CA PHE B 47 -10.64 -8.06 -19.37
C PHE B 47 -12.14 -8.21 -19.66
N SER B 48 -12.68 -9.37 -19.31
CA SER B 48 -14.11 -9.66 -19.51
C SER B 48 -14.94 -9.47 -18.25
N HIS B 49 -14.30 -9.55 -17.08
CA HIS B 49 -15.06 -9.33 -15.84
C HIS B 49 -14.20 -8.80 -14.69
N VAL B 50 -14.87 -8.38 -13.63
CA VAL B 50 -14.19 -7.97 -12.42
C VAL B 50 -14.79 -8.78 -11.28
N ARG B 51 -13.94 -9.08 -10.29
CA ARG B 51 -14.40 -9.78 -9.08
C ARG B 51 -14.25 -8.71 -8.01
N ILE B 52 -15.31 -8.56 -7.21
CA ILE B 52 -15.34 -7.53 -6.17
C ILE B 52 -15.49 -8.10 -4.76
N PRO B 53 -14.37 -8.22 -4.01
CA PRO B 53 -14.37 -8.71 -2.62
C PRO B 53 -15.22 -7.70 -1.79
N ILE B 54 -16.13 -8.21 -0.97
CA ILE B 54 -16.98 -7.28 -0.20
C ILE B 54 -17.16 -7.79 1.22
N ARG B 55 -16.77 -6.99 2.21
CA ARG B 55 -16.98 -7.41 3.61
C ARG B 55 -18.37 -6.95 4.09
N TRP B 56 -19.40 -7.65 3.66
CA TRP B 56 -20.76 -7.30 4.08
C TRP B 56 -20.93 -7.35 5.60
N SER B 57 -20.15 -8.21 6.27
CA SER B 57 -20.33 -8.41 7.70
C SER B 57 -20.08 -7.21 8.57
N THR B 58 -19.40 -6.19 8.07
CA THR B 58 -19.16 -5.00 8.89
C THR B 58 -20.17 -3.91 8.52
N HIS B 59 -21.22 -4.29 7.76
CA HIS B 59 -22.23 -3.32 7.35
C HIS B 59 -23.64 -3.87 7.54
N ALA B 60 -23.89 -4.53 8.67
CA ALA B 60 -25.19 -5.14 8.93
C ALA B 60 -25.43 -5.24 10.41
N TYR B 61 -26.72 -5.29 10.79
CA TYR B 61 -27.08 -5.39 12.19
C TYR B 61 -26.48 -6.66 12.76
N ALA B 62 -26.07 -6.58 14.03
CA ALA B 62 -25.46 -7.71 14.72
C ALA B 62 -26.48 -8.75 15.20
N PHE B 63 -27.72 -8.32 15.34
CA PHE B 63 -28.80 -9.20 15.82
C PHE B 63 -29.95 -9.26 14.84
N PRO B 64 -30.82 -10.28 14.95
CA PRO B 64 -31.94 -10.39 14.01
C PRO B 64 -32.63 -9.02 13.95
N PRO B 65 -33.10 -8.61 12.75
CA PRO B 65 -33.06 -9.29 11.45
C PRO B 65 -31.73 -9.22 10.66
N TYR B 66 -30.66 -8.73 11.27
CA TYR B 66 -29.35 -8.68 10.59
C TYR B 66 -29.39 -7.86 9.32
N LYS B 67 -30.11 -6.75 9.37
CA LYS B 67 -30.25 -5.89 8.23
C LYS B 67 -28.97 -5.26 7.68
N ILE B 68 -28.80 -5.35 6.37
CA ILE B 68 -27.62 -4.73 5.76
C ILE B 68 -27.92 -3.25 5.61
N MET B 69 -26.95 -2.42 5.93
CA MET B 69 -27.18 -1.00 5.83
C MET B 69 -27.51 -0.51 4.43
N ASP B 70 -28.59 0.25 4.30
CA ASP B 70 -28.99 0.77 3.00
C ASP B 70 -27.91 1.59 2.32
N ARG B 71 -27.16 2.36 3.10
CA ARG B 71 -26.11 3.17 2.51
C ARG B 71 -25.00 2.31 1.91
N PHE B 72 -24.80 1.11 2.48
CA PHE B 72 -23.75 0.21 1.94
C PHE B 72 -24.28 -0.44 0.67
N PHE B 73 -25.52 -0.91 0.69
CA PHE B 73 -26.11 -1.47 -0.53
C PHE B 73 -26.01 -0.39 -1.63
N LYS B 74 -26.26 0.89 -1.30
CA LYS B 74 -26.18 1.90 -2.34
C LYS B 74 -24.79 1.98 -3.00
N ARG B 75 -23.75 1.90 -2.18
CA ARG B 75 -22.39 1.92 -2.66
C ARG B 75 -22.09 0.67 -3.50
N VAL B 76 -22.50 -0.52 -3.02
CA VAL B 76 -22.24 -1.74 -3.80
C VAL B 76 -22.99 -1.68 -5.15
N ASP B 77 -24.24 -1.20 -5.13
CA ASP B 77 -24.99 -1.07 -6.40
C ASP B 77 -24.18 -0.20 -7.37
N GLU B 78 -23.62 0.90 -6.86
CA GLU B 78 -22.85 1.83 -7.70
C GLU B 78 -21.65 1.16 -8.37
N VAL B 79 -20.99 0.27 -7.62
CA VAL B 79 -19.84 -0.46 -8.13
C VAL B 79 -20.25 -1.48 -9.19
N ILE B 80 -21.27 -2.28 -8.87
CA ILE B 80 -21.73 -3.28 -9.79
C ILE B 80 -22.19 -2.62 -11.09
N ASN B 81 -23.05 -1.60 -10.98
CA ASN B 81 -23.54 -0.95 -12.18
C ASN B 81 -22.45 -0.26 -12.98
N GLY B 82 -21.44 0.26 -12.27
CA GLY B 82 -20.32 0.86 -12.98
C GLY B 82 -19.65 -0.17 -13.88
N ALA B 83 -19.49 -1.39 -13.39
CA ALA B 83 -18.87 -2.43 -14.21
C ALA B 83 -19.81 -2.88 -15.35
N LEU B 84 -21.09 -3.10 -15.04
CA LEU B 84 -22.04 -3.54 -16.06
C LEU B 84 -22.15 -2.53 -17.20
N LYS B 85 -22.00 -1.25 -16.90
CA LYS B 85 -22.08 -0.21 -17.94
C LYS B 85 -21.01 -0.37 -19.02
N ARG B 86 -19.89 -0.98 -18.65
CA ARG B 86 -18.81 -1.19 -19.60
C ARG B 86 -18.84 -2.55 -20.29
N GLY B 87 -19.85 -3.36 -19.98
CA GLY B 87 -19.95 -4.64 -20.60
C GLY B 87 -19.14 -5.69 -19.91
N LEU B 88 -18.74 -5.42 -18.67
CA LEU B 88 -17.96 -6.38 -17.89
C LEU B 88 -18.94 -7.22 -17.09
N ALA B 89 -18.62 -8.51 -16.90
CA ALA B 89 -19.45 -9.37 -16.05
C ALA B 89 -18.91 -9.06 -14.66
N VAL B 90 -19.65 -9.46 -13.61
CA VAL B 90 -19.22 -9.10 -12.25
C VAL B 90 -19.44 -10.23 -11.28
N VAL B 91 -18.42 -10.48 -10.44
CA VAL B 91 -18.55 -11.44 -9.35
C VAL B 91 -18.54 -10.67 -8.05
N ILE B 92 -19.57 -10.90 -7.22
CA ILE B 92 -19.62 -10.30 -5.88
C ILE B 92 -19.57 -11.44 -4.86
N ASN B 93 -18.99 -11.21 -3.68
CA ASN B 93 -18.91 -12.31 -2.71
C ASN B 93 -19.12 -11.77 -1.30
N ILE B 94 -18.98 -12.63 -0.33
CA ILE B 94 -18.86 -12.26 1.05
C ILE B 94 -17.38 -12.64 1.41
N HIS B 95 -16.66 -11.64 1.84
CA HIS B 95 -15.21 -11.73 2.08
C HIS B 95 -14.84 -11.27 3.52
N HIS B 96 -13.83 -11.88 4.05
CA HIS B 96 -13.39 -11.51 5.35
C HIS B 96 -14.48 -11.43 6.43
N TYR B 97 -15.33 -12.45 6.48
CA TYR B 97 -16.35 -12.52 7.55
C TYR B 97 -15.62 -13.28 8.65
N GLU B 98 -14.75 -12.58 9.35
CA GLU B 98 -13.94 -13.30 10.32
C GLU B 98 -14.64 -13.96 11.47
N GLU B 99 -15.73 -13.37 11.94
CA GLU B 99 -16.47 -13.98 13.06
C GLU B 99 -17.11 -15.32 12.71
N LEU B 100 -17.43 -15.52 11.43
CA LEU B 100 -18.06 -16.73 10.95
C LEU B 100 -17.02 -17.83 10.89
N MET B 101 -15.80 -17.46 10.48
CA MET B 101 -14.73 -18.46 10.39
C MET B 101 -14.39 -18.92 11.81
N ASN B 102 -14.47 -17.99 12.76
CA ASN B 102 -14.16 -18.30 14.17
C ASN B 102 -15.25 -19.09 14.90
N ASP B 103 -16.52 -18.77 14.63
CA ASP B 103 -17.62 -19.46 15.28
C ASP B 103 -18.74 -19.64 14.27
N PRO B 104 -18.62 -20.67 13.42
CA PRO B 104 -19.65 -20.87 12.41
C PRO B 104 -21.05 -21.16 12.95
N GLU B 105 -21.15 -21.85 14.07
CA GLU B 105 -22.47 -22.16 14.63
C GLU B 105 -23.16 -20.87 15.09
N GLU B 106 -22.38 -19.99 15.70
CA GLU B 106 -22.93 -18.76 16.24
C GLU B 106 -23.33 -17.77 15.14
N HIS B 107 -22.55 -17.73 14.06
CA HIS B 107 -22.85 -16.82 12.98
C HIS B 107 -23.59 -17.37 11.79
N LYS B 108 -24.01 -18.64 11.85
CA LYS B 108 -24.73 -19.23 10.73
C LYS B 108 -25.99 -18.46 10.31
N GLU B 109 -26.85 -18.14 11.30
CA GLU B 109 -28.09 -17.46 10.93
C GLU B 109 -27.85 -16.06 10.36
N ARG B 110 -26.84 -15.36 10.87
CA ARG B 110 -26.58 -14.04 10.33
C ARG B 110 -26.08 -14.16 8.90
N PHE B 111 -25.21 -15.11 8.67
CA PHE B 111 -24.66 -15.32 7.33
C PHE B 111 -25.79 -15.60 6.33
N LEU B 112 -26.69 -16.50 6.69
CA LEU B 112 -27.81 -16.84 5.82
C LEU B 112 -28.69 -15.61 5.60
N ALA B 113 -28.88 -14.79 6.62
CA ALA B 113 -29.71 -13.61 6.43
C ALA B 113 -29.03 -12.60 5.48
N LEU B 114 -27.70 -12.52 5.52
CA LEU B 114 -27.00 -11.62 4.58
C LEU B 114 -27.32 -12.09 3.16
N TRP B 115 -27.18 -13.39 2.91
CA TRP B 115 -27.44 -13.86 1.56
C TRP B 115 -28.90 -13.70 1.14
N LYS B 116 -29.85 -13.86 2.07
CA LYS B 116 -31.24 -13.66 1.69
C LYS B 116 -31.39 -12.25 1.15
N GLN B 117 -30.79 -11.30 1.85
CA GLN B 117 -30.88 -9.91 1.46
C GLN B 117 -30.14 -9.57 0.18
N ILE B 118 -28.95 -10.14 0.03
CA ILE B 118 -28.17 -9.85 -1.16
C ILE B 118 -28.88 -10.43 -2.38
N ALA B 119 -29.36 -11.66 -2.28
CA ALA B 119 -30.03 -12.27 -3.41
C ALA B 119 -31.27 -11.45 -3.77
N ASP B 120 -32.01 -10.99 -2.77
CA ASP B 120 -33.20 -10.22 -3.08
C ASP B 120 -32.86 -8.89 -3.74
N ARG B 121 -31.76 -8.29 -3.31
CA ARG B 121 -31.35 -7.00 -3.86
C ARG B 121 -31.01 -7.07 -5.33
N TYR B 122 -30.36 -8.17 -5.71
CA TYR B 122 -29.83 -8.32 -7.06
C TYR B 122 -30.54 -9.32 -7.95
N LYS B 123 -31.68 -9.81 -7.51
CA LYS B 123 -32.38 -10.82 -8.31
C LYS B 123 -32.74 -10.40 -9.72
N ASP B 124 -33.00 -9.10 -9.95
CA ASP B 124 -33.39 -8.62 -11.30
C ASP B 124 -32.23 -8.18 -12.15
N TYR B 125 -31.01 -8.21 -11.58
CA TYR B 125 -29.83 -7.82 -12.34
C TYR B 125 -29.57 -8.84 -13.45
N PRO B 126 -28.82 -8.45 -14.48
CA PRO B 126 -28.50 -9.33 -15.59
C PRO B 126 -27.79 -10.62 -15.16
N GLU B 127 -27.75 -11.59 -16.08
CA GLU B 127 -27.12 -12.89 -15.85
C GLU B 127 -25.61 -12.79 -15.85
N THR B 128 -25.11 -11.61 -16.15
CA THR B 128 -23.67 -11.36 -16.11
C THR B 128 -23.17 -11.05 -14.68
N LEU B 129 -24.09 -11.05 -13.72
CA LEU B 129 -23.73 -10.88 -12.29
C LEU B 129 -23.71 -12.27 -11.67
N PHE B 130 -22.64 -12.58 -10.92
CA PHE B 130 -22.47 -13.90 -10.30
C PHE B 130 -22.39 -13.77 -8.80
N PHE B 131 -22.95 -14.73 -8.07
CA PHE B 131 -22.95 -14.70 -6.61
C PHE B 131 -21.95 -15.71 -6.04
N GLU B 132 -20.88 -15.24 -5.40
CA GLU B 132 -19.88 -16.16 -4.83
C GLU B 132 -20.20 -16.24 -3.32
N ILE B 133 -20.58 -17.42 -2.86
CA ILE B 133 -21.04 -17.57 -1.47
C ILE B 133 -20.15 -17.06 -0.34
N LEU B 134 -18.91 -17.50 -0.34
CA LEU B 134 -18.01 -17.08 0.74
C LEU B 134 -16.56 -17.28 0.32
N ASN B 135 -15.78 -16.24 0.49
CA ASN B 135 -14.38 -16.34 0.16
C ASN B 135 -13.61 -17.16 1.20
N GLU B 136 -12.93 -18.17 0.70
CA GLU B 136 -12.00 -18.96 1.51
C GLU B 136 -12.35 -19.40 2.91
N PRO B 137 -13.38 -20.22 3.04
CA PRO B 137 -13.67 -20.84 4.32
C PRO B 137 -12.45 -21.40 4.95
N HIS B 138 -12.31 -21.13 6.21
CA HIS B 138 -11.19 -21.65 6.93
C HIS B 138 -11.37 -21.57 8.47
N GLY B 139 -10.38 -22.10 9.12
CA GLY B 139 -10.36 -22.16 10.57
C GLY B 139 -11.36 -23.07 11.19
N ASN B 140 -12.17 -22.48 12.07
CA ASN B 140 -13.19 -23.32 12.65
C ASN B 140 -14.30 -23.66 11.67
N LEU B 141 -14.33 -22.98 10.52
CA LEU B 141 -15.30 -23.34 9.48
C LEU B 141 -14.54 -24.40 8.66
N THR B 142 -14.55 -25.61 9.19
CA THR B 142 -13.85 -26.74 8.62
C THR B 142 -14.52 -27.23 7.36
N PRO B 143 -13.87 -28.16 6.62
CA PRO B 143 -14.51 -28.65 5.39
C PRO B 143 -15.93 -29.19 5.59
N GLU B 144 -16.18 -29.96 6.66
CA GLU B 144 -17.53 -30.47 6.83
C GLU B 144 -18.54 -29.38 7.22
N LYS B 145 -18.11 -28.42 8.04
CA LYS B 145 -19.00 -27.30 8.43
C LYS B 145 -19.28 -26.44 7.20
N TRP B 146 -18.29 -26.30 6.33
CA TRP B 146 -18.52 -25.54 5.08
C TRP B 146 -19.53 -26.28 4.17
N ASN B 147 -19.44 -27.60 4.04
CA ASN B 147 -20.40 -28.30 3.20
C ASN B 147 -21.82 -28.08 3.71
N GLU B 148 -21.94 -28.01 5.04
CA GLU B 148 -23.24 -27.76 5.66
C GLU B 148 -23.73 -26.35 5.37
N LEU B 149 -22.87 -25.38 5.61
CA LEU B 149 -23.24 -23.97 5.44
C LEU B 149 -23.52 -23.61 3.98
N LEU B 150 -22.71 -24.17 3.08
CA LEU B 150 -22.91 -23.81 1.69
C LEU B 150 -24.21 -24.41 1.19
N GLU B 151 -24.61 -25.57 1.71
CA GLU B 151 -25.88 -26.13 1.27
C GLU B 151 -27.02 -25.26 1.78
N GLU B 152 -26.90 -24.77 3.02
CA GLU B 152 -27.95 -23.92 3.55
C GLU B 152 -28.00 -22.59 2.83
N ALA B 153 -26.84 -22.07 2.40
CA ALA B 153 -26.83 -20.79 1.69
C ALA B 153 -27.47 -20.97 0.31
N LEU B 154 -27.16 -22.08 -0.37
CA LEU B 154 -27.79 -22.33 -1.69
C LEU B 154 -29.31 -22.36 -1.54
N LYS B 155 -29.79 -23.02 -0.49
CA LYS B 155 -31.25 -23.09 -0.29
C LYS B 155 -31.85 -21.71 -0.15
N VAL B 156 -31.21 -20.86 0.66
CA VAL B 156 -31.68 -19.48 0.85
C VAL B 156 -31.67 -18.71 -0.46
N ILE B 157 -30.55 -18.77 -1.18
CA ILE B 157 -30.47 -18.03 -2.42
C ILE B 157 -31.47 -18.53 -3.48
N ARG B 158 -31.56 -19.85 -3.65
CA ARG B 158 -32.42 -20.41 -4.66
C ARG B 158 -33.90 -20.21 -4.37
N SER B 159 -34.25 -19.95 -3.12
CA SER B 159 -35.66 -19.67 -2.81
C SER B 159 -36.04 -18.30 -3.36
N ILE B 160 -35.04 -17.45 -3.64
CA ILE B 160 -35.30 -16.11 -4.15
C ILE B 160 -34.88 -15.88 -5.60
N ASP B 161 -33.80 -16.54 -6.00
CA ASP B 161 -33.21 -16.32 -7.33
C ASP B 161 -32.75 -17.63 -7.94
N LYS B 162 -33.43 -18.07 -9.00
CA LYS B 162 -33.04 -19.32 -9.64
C LYS B 162 -32.38 -19.02 -10.95
N LYS B 163 -32.04 -17.76 -11.18
CA LYS B 163 -31.39 -17.36 -12.43
C LYS B 163 -29.86 -17.23 -12.38
N HIS B 164 -29.38 -16.48 -11.42
CA HIS B 164 -27.94 -16.23 -11.34
C HIS B 164 -27.11 -17.44 -10.98
N THR B 165 -25.98 -17.55 -11.69
CA THR B 165 -25.02 -18.62 -11.42
C THR B 165 -24.33 -18.30 -10.09
N ILE B 166 -24.15 -19.32 -9.27
CA ILE B 166 -23.51 -19.19 -7.96
C ILE B 166 -22.11 -19.78 -8.06
N ILE B 167 -21.18 -19.22 -7.30
CA ILE B 167 -19.80 -19.67 -7.30
C ILE B 167 -19.51 -20.22 -5.93
N ILE B 168 -18.98 -21.46 -5.90
CA ILE B 168 -18.78 -22.20 -4.65
C ILE B 168 -17.32 -22.53 -4.48
N GLY B 169 -16.73 -22.04 -3.38
CA GLY B 169 -15.32 -22.29 -3.12
C GLY B 169 -15.04 -23.49 -2.26
N THR B 170 -13.76 -23.74 -2.00
CA THR B 170 -13.33 -24.87 -1.16
C THR B 170 -12.92 -24.37 0.20
N ALA B 171 -12.87 -25.29 1.16
CA ALA B 171 -12.47 -24.92 2.50
C ALA B 171 -10.96 -24.96 2.65
N GLU B 172 -10.45 -24.98 3.89
CA GLU B 172 -9.01 -24.96 4.13
C GLU B 172 -8.30 -23.85 3.36
N TRP B 173 -8.93 -22.68 3.37
CA TRP B 173 -8.40 -21.49 2.73
C TRP B 173 -8.63 -21.32 1.24
N GLY B 174 -9.46 -22.19 0.67
CA GLY B 174 -9.86 -22.02 -0.73
C GLY B 174 -9.01 -22.55 -1.87
N GLY B 175 -7.98 -23.30 -1.54
CA GLY B 175 -7.13 -23.87 -2.57
C GLY B 175 -7.51 -25.29 -2.93
N ILE B 176 -6.52 -26.06 -3.34
CA ILE B 176 -6.82 -27.42 -3.77
C ILE B 176 -6.83 -28.47 -2.65
N SER B 177 -6.23 -28.18 -1.50
CA SER B 177 -6.18 -29.20 -0.43
C SER B 177 -7.51 -29.82 -0.02
N ALA B 178 -8.57 -29.02 0.04
CA ALA B 178 -9.87 -29.51 0.43
C ALA B 178 -10.86 -29.73 -0.71
N LEU B 179 -10.36 -29.69 -1.96
CA LEU B 179 -11.28 -29.86 -3.09
C LEU B 179 -11.97 -31.23 -3.06
N GLU B 180 -11.23 -32.30 -2.75
CA GLU B 180 -11.87 -33.62 -2.70
C GLU B 180 -12.87 -33.75 -1.52
N LYS B 181 -12.81 -32.83 -0.55
CA LYS B 181 -13.77 -32.86 0.59
C LYS B 181 -15.04 -32.08 0.28
N LEU B 182 -15.00 -31.26 -0.77
CA LEU B 182 -16.14 -30.45 -1.12
C LEU B 182 -17.33 -31.25 -1.63
N SER B 183 -18.52 -30.93 -1.13
CA SER B 183 -19.72 -31.59 -1.55
C SER B 183 -20.69 -30.50 -2.04
N VAL B 184 -20.98 -30.50 -3.33
CA VAL B 184 -21.96 -29.54 -3.89
C VAL B 184 -23.24 -30.34 -3.96
N PRO B 185 -24.34 -29.81 -3.40
CA PRO B 185 -25.64 -30.49 -3.42
C PRO B 185 -25.99 -30.96 -4.82
N LYS B 186 -26.37 -32.23 -4.94
CA LYS B 186 -26.70 -32.79 -6.24
C LYS B 186 -27.95 -32.20 -6.88
N TRP B 187 -28.71 -31.42 -6.12
CA TRP B 187 -29.87 -30.76 -6.68
C TRP B 187 -29.52 -29.39 -7.26
N GLU B 188 -28.31 -28.88 -6.98
CA GLU B 188 -27.90 -27.56 -7.48
C GLU B 188 -27.21 -27.77 -8.82
N LYS B 189 -27.68 -27.10 -9.87
CA LYS B 189 -27.11 -27.31 -11.19
C LYS B 189 -26.74 -26.06 -11.97
N ASN B 190 -26.57 -24.93 -11.27
CA ASN B 190 -26.17 -23.67 -11.95
C ASN B 190 -25.09 -23.02 -11.07
N SER B 191 -24.03 -23.77 -10.79
CA SER B 191 -22.90 -23.30 -9.96
C SER B 191 -21.59 -23.59 -10.63
N ILE B 192 -20.61 -22.73 -10.34
CA ILE B 192 -19.27 -22.87 -10.83
C ILE B 192 -18.42 -23.07 -9.57
N VAL B 193 -17.43 -23.96 -9.60
CA VAL B 193 -16.58 -24.21 -8.44
C VAL B 193 -15.36 -23.34 -8.57
N THR B 194 -14.98 -22.66 -7.49
CA THR B 194 -13.84 -21.77 -7.59
C THR B 194 -12.72 -22.24 -6.69
N ILE B 195 -11.50 -22.10 -7.19
CA ILE B 195 -10.30 -22.45 -6.49
C ILE B 195 -9.37 -21.26 -6.57
N HIS B 196 -8.68 -20.95 -5.49
CA HIS B 196 -7.71 -19.85 -5.49
C HIS B 196 -6.35 -20.50 -5.55
N TYR B 197 -5.51 -20.05 -6.46
CA TYR B 197 -4.24 -20.69 -6.69
C TYR B 197 -3.07 -19.82 -6.42
N TYR B 198 -2.35 -20.18 -5.38
CA TYR B 198 -1.21 -19.41 -4.95
C TYR B 198 0.00 -20.30 -4.71
N ASN B 199 0.02 -21.49 -5.30
CA ASN B 199 1.17 -22.38 -5.06
C ASN B 199 2.29 -22.15 -6.08
N PRO B 200 3.55 -22.26 -5.64
CA PRO B 200 3.97 -22.59 -4.26
C PRO B 200 3.69 -21.39 -3.38
N PHE B 201 3.05 -21.64 -2.25
CA PHE B 201 2.70 -20.55 -1.37
C PHE B 201 3.90 -19.76 -0.89
N GLU B 202 5.01 -20.46 -0.60
CA GLU B 202 6.20 -19.75 -0.14
C GLU B 202 6.69 -18.79 -1.20
N PHE B 203 6.47 -19.12 -2.48
CA PHE B 203 6.89 -18.23 -3.54
C PHE B 203 5.95 -17.02 -3.66
N THR B 204 4.67 -17.28 -3.80
CA THR B 204 3.72 -16.16 -3.99
C THR B 204 3.52 -15.24 -2.80
N HIS B 205 3.76 -15.74 -1.62
CA HIS B 205 3.55 -14.96 -0.42
C HIS B 205 4.82 -14.59 0.41
N GLN B 206 5.95 -14.73 -0.26
CA GLN B 206 7.19 -14.45 0.47
C GLN B 206 7.16 -13.02 1.03
N GLY B 207 7.48 -12.89 2.32
CA GLY B 207 7.47 -11.57 2.97
C GLY B 207 6.12 -10.93 3.21
N ALA B 208 5.02 -11.60 2.85
CA ALA B 208 3.70 -11.00 3.05
C ALA B 208 3.50 -10.70 4.53
N GLU B 209 3.25 -9.43 4.80
CA GLU B 209 3.13 -9.00 6.19
C GLU B 209 2.05 -9.68 6.98
N TRP B 210 1.00 -10.15 6.30
CA TRP B 210 -0.15 -10.74 6.98
C TRP B 210 -0.05 -12.25 7.16
N VAL B 211 1.08 -12.81 6.76
CA VAL B 211 1.31 -14.27 6.84
C VAL B 211 2.45 -14.60 7.81
N GLU B 212 2.13 -15.37 8.84
CA GLU B 212 3.14 -15.72 9.82
C GLU B 212 4.34 -16.43 9.21
N GLY B 213 5.54 -15.97 9.60
CA GLY B 213 6.81 -16.55 9.19
C GLY B 213 7.20 -16.38 7.73
N SER B 214 6.45 -15.54 7.02
CA SER B 214 6.70 -15.37 5.60
C SER B 214 8.05 -14.77 5.27
N GLU B 215 8.71 -14.11 6.22
CA GLU B 215 9.98 -13.49 5.90
C GLU B 215 11.02 -14.57 5.55
N LYS B 216 10.85 -15.78 6.06
CA LYS B 216 11.84 -16.79 5.79
C LYS B 216 11.88 -17.20 4.32
N TRP B 217 10.82 -16.90 3.58
CA TRP B 217 10.73 -17.31 2.19
C TRP B 217 11.27 -16.27 1.20
N LEU B 218 11.62 -15.08 1.67
CA LEU B 218 12.15 -14.07 0.76
C LEU B 218 13.32 -14.58 -0.04
N GLY B 219 13.27 -14.31 -1.32
CA GLY B 219 14.33 -14.75 -2.23
C GLY B 219 13.91 -15.94 -3.06
N ARG B 220 12.79 -16.57 -2.67
CA ARG B 220 12.33 -17.74 -3.42
C ARG B 220 12.08 -17.41 -4.88
N LYS B 221 12.60 -18.25 -5.78
CA LYS B 221 12.38 -18.00 -7.22
C LYS B 221 11.36 -19.00 -7.80
N TRP B 222 10.95 -18.79 -9.06
CA TRP B 222 10.04 -19.70 -9.72
C TRP B 222 10.35 -19.72 -11.21
N GLY B 223 10.38 -20.91 -11.81
CA GLY B 223 10.58 -20.96 -13.24
C GLY B 223 11.20 -22.22 -13.80
N SER B 224 11.60 -23.13 -12.94
CA SER B 224 12.31 -24.33 -13.40
C SER B 224 11.39 -25.34 -14.04
N PRO B 225 11.97 -26.30 -14.80
CA PRO B 225 11.13 -27.31 -15.42
C PRO B 225 10.38 -28.08 -14.32
N ASP B 226 11.01 -28.28 -13.15
CA ASP B 226 10.30 -29.00 -12.10
C ASP B 226 9.16 -28.14 -11.53
N ASP B 227 9.41 -26.84 -11.39
CA ASP B 227 8.35 -25.92 -10.92
C ASP B 227 7.13 -26.02 -11.85
N GLN B 228 7.38 -26.02 -13.15
CA GLN B 228 6.31 -26.10 -14.14
C GLN B 228 5.57 -27.43 -14.03
N LYS B 229 6.32 -28.51 -13.89
CA LYS B 229 5.71 -29.85 -13.82
C LYS B 229 4.79 -30.01 -12.61
N HIS B 230 5.26 -29.53 -11.47
CA HIS B 230 4.48 -29.64 -10.23
C HIS B 230 3.17 -28.86 -10.37
N LEU B 231 3.26 -27.67 -10.96
CA LEU B 231 2.05 -26.83 -11.15
C LEU B 231 1.05 -27.55 -12.10
N ILE B 232 1.55 -28.09 -13.21
CA ILE B 232 0.70 -28.82 -14.13
C ILE B 232 0.04 -30.01 -13.41
N GLU B 233 0.79 -30.72 -12.57
CA GLU B 233 0.22 -31.87 -11.82
C GLU B 233 -0.96 -31.40 -10.94
N GLU B 234 -0.81 -30.25 -10.29
CA GLU B 234 -1.93 -29.73 -9.46
C GLU B 234 -3.09 -29.30 -10.35
N PHE B 235 -2.82 -28.66 -11.48
CA PHE B 235 -3.92 -28.30 -12.37
C PHE B 235 -4.62 -29.55 -12.94
N ASN B 236 -3.87 -30.63 -13.14
CA ASN B 236 -4.52 -31.82 -13.70
C ASN B 236 -5.41 -32.44 -12.65
N PHE B 237 -5.04 -32.28 -11.39
CA PHE B 237 -5.87 -32.80 -10.28
C PHE B 237 -7.21 -32.05 -10.29
N ILE B 238 -7.13 -30.72 -10.43
CA ILE B 238 -8.35 -29.93 -10.47
C ILE B 238 -9.20 -30.29 -11.67
N GLU B 239 -8.53 -30.45 -12.82
CA GLU B 239 -9.23 -30.76 -14.03
C GLU B 239 -9.95 -32.10 -13.93
N GLU B 240 -9.29 -33.11 -13.38
CA GLU B 240 -9.93 -34.42 -13.29
C GLU B 240 -11.11 -34.38 -12.33
N TRP B 241 -11.00 -33.56 -11.30
CA TRP B 241 -12.10 -33.43 -10.33
C TRP B 241 -13.30 -32.76 -11.04
N SER B 242 -13.00 -31.75 -11.86
CA SER B 242 -14.03 -31.01 -12.58
C SER B 242 -14.78 -31.94 -13.55
N LYS B 243 -14.05 -32.85 -14.18
CA LYS B 243 -14.68 -33.76 -15.12
C LYS B 243 -15.47 -34.87 -14.45
N LYS B 244 -14.95 -35.37 -13.33
CA LYS B 244 -15.61 -36.44 -12.61
C LYS B 244 -16.89 -35.90 -11.98
N ASN B 245 -16.85 -34.65 -11.49
CA ASN B 245 -18.03 -34.05 -10.85
C ASN B 245 -18.88 -33.12 -11.71
N LYS B 246 -18.49 -32.99 -12.98
CA LYS B 246 -19.20 -32.16 -13.93
C LYS B 246 -19.52 -30.73 -13.42
N ARG B 247 -18.48 -30.01 -13.01
CA ARG B 247 -18.65 -28.63 -12.55
C ARG B 247 -17.62 -27.75 -13.24
N PRO B 248 -18.02 -26.57 -13.73
CA PRO B 248 -17.05 -25.67 -14.38
C PRO B 248 -16.10 -25.17 -13.29
N ILE B 249 -14.92 -24.71 -13.71
CA ILE B 249 -13.92 -24.20 -12.77
C ILE B 249 -13.56 -22.74 -13.07
N TYR B 250 -13.49 -21.95 -11.99
CA TYR B 250 -13.10 -20.54 -12.00
C TYR B 250 -11.92 -20.35 -11.03
N ILE B 251 -10.76 -19.90 -11.51
CA ILE B 251 -9.66 -19.65 -10.58
C ILE B 251 -9.85 -18.17 -10.21
N GLY B 252 -10.59 -17.95 -9.13
CA GLY B 252 -11.01 -16.60 -8.76
C GLY B 252 -9.98 -15.65 -8.21
N ALA B 253 -8.85 -16.19 -7.82
CA ALA B 253 -7.77 -15.36 -7.35
C ALA B 253 -6.47 -16.15 -7.51
N PHE B 254 -5.49 -15.48 -8.09
CA PHE B 254 -4.15 -16.02 -8.22
C PHE B 254 -3.21 -14.83 -8.46
N GLY B 255 -1.99 -14.94 -7.95
CA GLY B 255 -1.01 -13.88 -8.16
C GLY B 255 0.14 -14.03 -7.20
N ALA B 256 1.22 -13.31 -7.49
CA ALA B 256 2.43 -13.33 -6.67
C ALA B 256 2.66 -11.97 -6.08
N TYR B 257 2.99 -11.93 -4.80
CA TYR B 257 3.20 -10.66 -4.11
C TYR B 257 4.38 -9.88 -4.67
N ARG B 258 4.32 -8.55 -4.57
CA ARG B 258 5.41 -7.71 -5.12
C ARG B 258 6.80 -7.88 -4.50
N LYS B 259 6.91 -8.54 -3.36
CA LYS B 259 8.21 -8.81 -2.78
C LYS B 259 8.93 -9.92 -3.53
N ALA B 260 8.17 -10.70 -4.32
CA ALA B 260 8.82 -11.76 -5.08
C ALA B 260 9.56 -11.15 -6.26
N ASP B 261 10.66 -11.83 -6.64
CA ASP B 261 11.46 -11.49 -7.82
C ASP B 261 10.54 -11.15 -9.02
N LEU B 262 10.66 -9.98 -9.62
CA LEU B 262 9.73 -9.66 -10.71
C LEU B 262 9.78 -10.63 -11.90
N GLU B 263 10.99 -11.02 -12.29
CA GLU B 263 11.11 -11.96 -13.40
C GLU B 263 10.35 -13.25 -13.08
N SER B 264 10.52 -13.73 -11.86
CA SER B 264 9.78 -14.95 -11.46
C SER B 264 8.26 -14.68 -11.43
N ARG B 265 7.83 -13.51 -11.01
CA ARG B 265 6.39 -13.20 -11.00
C ARG B 265 5.81 -13.28 -12.41
N ILE B 266 6.55 -12.75 -13.39
CA ILE B 266 6.10 -12.76 -14.75
C ILE B 266 6.04 -14.17 -15.28
N LYS B 267 7.08 -14.96 -15.01
CA LYS B 267 7.07 -16.34 -15.49
C LYS B 267 5.91 -17.14 -14.86
N TRP B 268 5.75 -17.00 -13.54
CA TRP B 268 4.67 -17.75 -12.85
C TRP B 268 3.27 -17.32 -13.33
N THR B 269 3.06 -16.01 -13.41
CA THR B 269 1.77 -15.50 -13.80
C THR B 269 1.44 -15.89 -15.24
N SER B 270 2.41 -15.75 -16.16
CA SER B 270 2.11 -16.09 -17.54
C SER B 270 1.86 -17.61 -17.73
N PHE B 271 2.58 -18.44 -16.95
CA PHE B 271 2.44 -19.90 -17.03
C PHE B 271 1.07 -20.27 -16.50
N VAL B 272 0.70 -19.72 -15.35
CA VAL B 272 -0.60 -20.03 -14.80
C VAL B 272 -1.73 -19.67 -15.77
N VAL B 273 -1.68 -18.48 -16.36
CA VAL B 273 -2.72 -18.08 -17.29
C VAL B 273 -2.75 -19.04 -18.50
N ARG B 274 -1.60 -19.36 -19.06
CA ARG B 274 -1.63 -20.29 -20.20
C ARG B 274 -2.23 -21.65 -19.86
N GLU B 275 -1.86 -22.17 -18.68
CA GLU B 275 -2.33 -23.49 -18.28
C GLU B 275 -3.82 -23.46 -17.91
N MET B 276 -4.30 -22.37 -17.31
CA MET B 276 -5.74 -22.31 -17.00
C MET B 276 -6.53 -22.22 -18.30
N GLU B 277 -6.05 -21.44 -19.25
CA GLU B 277 -6.81 -21.32 -20.48
C GLU B 277 -6.79 -22.58 -21.33
N LYS B 278 -5.72 -23.36 -21.24
CA LYS B 278 -5.69 -24.63 -21.96
C LYS B 278 -6.76 -25.58 -21.42
N ARG B 279 -7.16 -25.36 -20.16
CA ARG B 279 -8.20 -26.20 -19.55
C ARG B 279 -9.59 -25.54 -19.60
N ARG B 280 -9.68 -24.41 -20.31
CA ARG B 280 -10.91 -23.64 -20.47
C ARG B 280 -11.52 -23.09 -19.18
N TRP B 281 -10.66 -22.78 -18.23
CA TRP B 281 -11.13 -22.22 -16.96
C TRP B 281 -11.23 -20.70 -17.04
N SER B 282 -12.18 -20.11 -16.33
CA SER B 282 -12.25 -18.65 -16.22
C SER B 282 -11.29 -18.32 -15.06
N TRP B 283 -10.95 -17.05 -14.89
CA TRP B 283 -9.99 -16.67 -13.86
C TRP B 283 -10.03 -15.20 -13.56
N ALA B 284 -9.54 -14.86 -12.38
CA ALA B 284 -9.41 -13.44 -12.03
C ALA B 284 -8.10 -13.21 -11.30
N TYR B 285 -7.26 -12.36 -11.88
CA TYR B 285 -5.98 -12.04 -11.24
C TYR B 285 -6.13 -11.28 -9.93
N TRP B 286 -5.28 -11.61 -8.96
CA TRP B 286 -5.26 -10.89 -7.70
C TRP B 286 -3.96 -10.04 -7.74
N GLU B 287 -4.05 -8.71 -7.91
CA GLU B 287 -5.29 -7.96 -8.09
C GLU B 287 -4.96 -6.69 -8.89
N PHE B 288 -5.92 -5.78 -8.99
CA PHE B 288 -5.77 -4.61 -9.84
C PHE B 288 -4.70 -3.59 -9.49
N CYS B 289 -4.79 -3.01 -8.29
CA CYS B 289 -3.88 -1.90 -7.96
C CYS B 289 -3.25 -1.80 -6.57
N SER B 290 -3.15 -2.92 -5.88
CA SER B 290 -2.58 -2.92 -4.52
C SER B 290 -1.23 -3.69 -4.47
N GLY B 291 -0.99 -4.43 -3.39
CA GLY B 291 0.30 -5.11 -3.23
C GLY B 291 0.67 -6.14 -4.29
N PHE B 292 -0.31 -6.68 -5.01
CA PHE B 292 -0.03 -7.62 -6.11
C PHE B 292 -0.44 -6.92 -7.39
N GLY B 293 -0.64 -5.62 -7.30
CA GLY B 293 -1.20 -4.87 -8.42
C GLY B 293 -0.44 -4.75 -9.73
N VAL B 294 -1.19 -4.52 -10.79
CA VAL B 294 -0.60 -4.33 -12.10
C VAL B 294 -0.89 -2.94 -12.64
N TYR B 295 -1.60 -2.12 -11.90
CA TYR B 295 -1.94 -0.76 -12.38
C TYR B 295 -1.58 0.27 -11.31
N ASP B 296 -1.06 1.43 -11.72
CA ASP B 296 -0.65 2.52 -10.79
C ASP B 296 -1.77 3.58 -10.95
N THR B 297 -2.64 3.72 -9.96
CA THR B 297 -3.78 4.63 -10.09
C THR B 297 -3.48 6.12 -10.22
N LEU B 298 -2.46 6.62 -9.53
CA LEU B 298 -2.13 8.04 -9.67
C LEU B 298 -1.43 8.32 -10.99
N ARG B 299 -0.48 7.46 -11.40
CA ARG B 299 0.21 7.65 -12.67
C ARG B 299 -0.62 7.24 -13.87
N LYS B 300 -1.66 6.45 -13.63
CA LYS B 300 -2.53 5.97 -14.69
C LYS B 300 -1.77 5.15 -15.72
N THR B 301 -0.98 4.21 -15.21
CA THR B 301 -0.20 3.36 -16.07
C THR B 301 -0.19 1.90 -15.60
N TRP B 302 -0.11 0.99 -16.56
CA TRP B 302 -0.06 -0.44 -16.28
C TRP B 302 1.38 -0.90 -16.26
N ASN B 303 1.66 -1.94 -15.48
CA ASN B 303 2.96 -2.59 -15.45
C ASN B 303 2.83 -3.42 -16.73
N LYS B 304 3.48 -2.97 -17.81
CA LYS B 304 3.33 -3.66 -19.09
C LYS B 304 3.66 -5.13 -19.17
N ASP B 305 4.76 -5.55 -18.56
CA ASP B 305 5.09 -6.97 -18.65
C ASP B 305 4.13 -7.86 -17.87
N LEU B 306 3.65 -7.39 -16.73
CA LEU B 306 2.71 -8.19 -15.95
C LEU B 306 1.33 -8.20 -16.65
N LEU B 307 0.90 -7.08 -17.22
CA LEU B 307 -0.37 -7.08 -17.93
C LEU B 307 -0.28 -8.05 -19.11
N GLU B 308 0.87 -8.08 -19.78
CA GLU B 308 1.03 -8.97 -20.92
C GLU B 308 0.93 -10.44 -20.50
N ALA B 309 1.35 -10.75 -19.28
CA ALA B 309 1.25 -12.12 -18.80
C ALA B 309 -0.23 -12.52 -18.68
N LEU B 310 -1.08 -11.54 -18.45
CA LEU B 310 -2.50 -11.77 -18.28
C LEU B 310 -3.30 -11.75 -19.57
N ILE B 311 -3.05 -10.73 -20.39
CA ILE B 311 -3.85 -10.55 -21.61
C ILE B 311 -3.24 -10.94 -22.96
#